data_6L6Y
#
_entry.id   6L6Y
#
_cell.length_a   71.040
_cell.length_b   73.205
_cell.length_c   81.952
_cell.angle_alpha   90.000
_cell.angle_beta   90.000
_cell.angle_gamma   90.000
#
_symmetry.space_group_name_H-M   'P 21 21 21'
#
loop_
_entity.id
_entity.type
_entity.pdbx_description
1 polymer "DNA (5'-D(P*GP*GP*TP*CP*TP*CP*TP*AP*TP*TP*GP*TP*CP*CP*TP*G)-3')"
2 polymer "DNA (5'-D(*CP*CP*AP*GP*GP*AP*CP*AP*AP*TP*AP*GP*AP*GP*AP*C)-3')"
3 polymer 'Transcription factor SOX-17'
4 non-polymer 'SULFATE ION'
5 water water
#
loop_
_entity_poly.entity_id
_entity_poly.type
_entity_poly.pdbx_seq_one_letter_code
_entity_poly.pdbx_strand_id
1 'polydeoxyribonucleotide' (DG)(DG)(DT)(DC)(DT)(DC)(DT)(DA)(DT)(DT)(DG)(DT)(DC)(DC)(DT)(DG) A,C
2 'polydeoxyribonucleotide' (DC)(DC)(DA)(DG)(DG)(DA)(DC)(DA)(DA)(DT)(DA)(DG)(DA)(DG)(DA)(DC) B,E
3 'polypeptide(L)'
;GSFTSRIRRPMNAFMVWAKDERKRLAQQNPDLHNAELSKMLGKSWKALTLAEKRPFVEEAKRLRVQHMQDHPNYKYRPRR
RKQ
;
D,F
#
# COMPACT_ATOMS: atom_id res chain seq x y z
N GLY C 1 -14.71 18.79 -5.26
CA GLY C 1 -14.18 17.59 -4.64
C GLY C 1 -15.20 16.85 -3.77
N SER C 2 -14.73 16.17 -2.74
CA SER C 2 -15.62 15.33 -1.97
C SER C 2 -15.38 15.52 -0.48
N PHE C 3 -16.49 15.51 0.27
CA PHE C 3 -16.48 15.65 1.71
C PHE C 3 -16.87 14.36 2.40
N THR C 4 -17.45 13.41 1.67
CA THR C 4 -17.89 12.16 2.27
C THR C 4 -16.83 11.08 2.17
N SER C 5 -15.75 11.32 1.43
CA SER C 5 -14.63 10.39 1.38
C SER C 5 -13.85 10.37 2.69
N ARG C 6 -13.85 9.22 3.37
CA ARG C 6 -12.90 8.97 4.44
C ARG C 6 -11.49 9.37 4.04
N ILE C 7 -10.72 9.86 5.02
CA ILE C 7 -9.30 10.16 4.84
C ILE C 7 -8.56 9.46 5.97
N ARG C 8 -7.55 8.67 5.63
CA ARG C 8 -6.90 7.86 6.66
C ARG C 8 -5.50 8.37 6.92
N ARG C 9 -5.12 8.36 8.20
CA ARG C 9 -3.84 8.91 8.63
C ARG C 9 -2.70 8.21 7.90
N PRO C 10 -1.67 8.93 7.47
CA PRO C 10 -0.56 8.27 6.81
C PRO C 10 0.17 7.40 7.82
N MET C 11 0.78 6.33 7.35
CA MET C 11 1.30 5.38 8.30
C MET C 11 2.74 5.72 8.67
N ASN C 12 3.04 5.72 9.97
CA ASN C 12 4.38 6.06 10.41
C ASN C 12 5.37 4.96 10.00
N ALA C 13 6.64 5.18 10.34
CA ALA C 13 7.69 4.28 9.88
C ALA C 13 7.44 2.85 10.36
N PHE C 14 6.89 2.68 11.56
CA PHE C 14 6.63 1.34 12.04
C PHE C 14 5.63 0.63 11.15
N MET C 15 4.51 1.29 10.86
CA MET C 15 3.42 0.69 10.11
C MET C 15 3.80 0.36 8.67
N VAL C 16 4.67 1.17 8.06
CA VAL C 16 5.18 0.89 6.73
C VAL C 16 6.01 -0.39 6.73
N TRP C 17 6.88 -0.56 7.74
CA TRP C 17 7.68 -1.76 7.88
C TRP C 17 6.81 -2.94 8.29
N ALA C 18 5.87 -2.71 9.20
CA ALA C 18 5.00 -3.77 9.67
C ALA C 18 4.06 -4.25 8.58
N LYS C 19 3.67 -3.40 7.63
CA LYS C 19 2.79 -3.90 6.58
C LYS C 19 3.41 -5.10 5.89
N ASP C 20 4.66 -4.95 5.43
CA ASP C 20 5.32 -6.06 4.72
C ASP C 20 5.75 -7.19 5.66
N GLU C 21 6.25 -6.86 6.86
CA GLU C 21 6.66 -7.94 7.76
C GLU C 21 5.46 -8.71 8.27
N ARG C 22 4.37 -8.01 8.56
CA ARG C 22 3.22 -8.72 9.10
C ARG C 22 2.75 -9.79 8.12
N LYS C 23 2.66 -9.44 6.83
CA LYS C 23 2.42 -10.44 5.79
C LYS C 23 3.49 -11.53 5.84
N ARG C 24 4.76 -11.15 5.92
CA ARG C 24 5.84 -12.13 5.85
C ARG C 24 5.78 -13.10 7.03
N LEU C 25 5.44 -12.62 8.22
CA LEU C 25 5.22 -13.54 9.32
C LEU C 25 3.91 -14.31 9.17
N ALA C 26 2.88 -13.68 8.61
CA ALA C 26 1.60 -14.38 8.48
C ALA C 26 1.70 -15.60 7.56
N GLN C 27 2.59 -15.56 6.57
CA GLN C 27 2.86 -16.77 5.79
C GLN C 27 3.45 -17.85 6.67
N GLN C 28 4.60 -17.58 7.29
CA GLN C 28 5.32 -18.54 8.11
C GLN C 28 4.61 -18.90 9.40
N ASN C 29 3.43 -18.36 9.69
CA ASN C 29 2.77 -18.63 10.98
C ASN C 29 1.27 -18.49 10.78
N PRO C 30 0.65 -19.32 9.95
CA PRO C 30 -0.65 -18.98 9.38
C PRO C 30 -1.84 -19.21 10.31
N ASP C 31 -1.65 -19.91 11.43
CA ASP C 31 -2.70 -19.97 12.44
C ASP C 31 -2.75 -18.72 13.30
N LEU C 32 -1.64 -18.00 13.38
CA LEU C 32 -1.49 -16.89 14.30
C LEU C 32 -2.40 -15.74 13.92
N HIS C 33 -3.00 -15.15 14.95
CA HIS C 33 -3.89 -14.01 14.90
C HIS C 33 -3.08 -12.73 14.74
N ASN C 34 -3.73 -11.67 14.25
CA ASN C 34 -2.91 -10.49 14.05
C ASN C 34 -2.51 -9.85 15.38
N ALA C 35 -3.27 -10.11 16.46
CA ALA C 35 -2.88 -9.63 17.77
C ALA C 35 -1.58 -10.29 18.21
N GLU C 36 -1.47 -11.60 17.98
CA GLU C 36 -0.22 -12.28 18.25
C GLU C 36 0.87 -11.85 17.28
N LEU C 37 0.51 -11.51 16.04
CA LEU C 37 1.55 -11.13 15.10
C LEU C 37 2.11 -9.76 15.45
N SER C 38 1.27 -8.89 16.01
CA SER C 38 1.74 -7.57 16.42
C SER C 38 2.75 -7.70 17.54
N LYS C 39 2.51 -8.61 18.49
CA LYS C 39 3.48 -8.79 19.56
C LYS C 39 4.80 -9.26 18.98
N MET C 40 4.78 -10.03 17.91
CA MET C 40 6.04 -10.36 17.29
C MET C 40 6.69 -9.13 16.67
N LEU C 41 5.90 -8.28 15.99
CA LEU C 41 6.49 -7.17 15.22
C LEU C 41 7.14 -6.14 16.15
N GLY C 42 6.45 -5.77 17.22
CA GLY C 42 7.01 -4.79 18.14
C GLY C 42 8.35 -5.23 18.70
N LYS C 43 8.48 -6.52 19.01
CA LYS C 43 9.76 -7.06 19.46
C LYS C 43 10.80 -7.00 18.35
N SER C 44 10.42 -7.34 17.11
CA SER C 44 11.40 -7.25 16.01
C SER C 44 11.80 -5.81 15.78
N TRP C 45 10.84 -4.90 15.89
CA TRP C 45 11.07 -3.49 15.61
C TRP C 45 11.95 -2.85 16.67
N LYS C 46 11.79 -3.26 17.93
CA LYS C 46 12.74 -2.78 18.95
C LYS C 46 14.17 -3.14 18.58
N ALA C 47 14.36 -4.33 18.03
CA ALA C 47 15.67 -4.90 17.81
C ALA C 47 16.40 -4.30 16.61
N LEU C 48 15.79 -3.40 15.89
CA LEU C 48 16.42 -2.88 14.69
C LEU C 48 17.23 -1.64 15.04
N THR C 49 18.51 -1.67 14.63
CA THR C 49 19.34 -0.47 14.66
C THR C 49 18.59 0.71 14.05
N LEU C 50 18.80 1.90 14.62
CA LEU C 50 18.33 3.11 13.96
C LEU C 50 18.83 3.19 12.52
N ALA C 51 20.04 2.69 12.27
CA ALA C 51 20.47 2.55 10.89
C ALA C 51 19.49 1.69 10.08
N GLU C 52 18.96 0.63 10.69
CA GLU C 52 18.07 -0.29 9.99
C GLU C 52 16.68 0.29 9.83
N LYS C 53 16.30 1.23 10.68
CA LYS C 53 14.96 1.81 10.59
C LYS C 53 14.90 3.00 9.65
N ARG C 54 16.04 3.62 9.38
CA ARG C 54 16.03 4.84 8.58
C ARG C 54 15.40 4.66 7.20
N PRO C 55 15.52 3.52 6.50
CA PRO C 55 14.82 3.42 5.21
C PRO C 55 13.31 3.48 5.34
N PHE C 56 12.75 2.85 6.37
CA PHE C 56 11.32 2.98 6.61
C PHE C 56 10.95 4.36 7.11
N VAL C 57 11.85 5.04 7.84
CA VAL C 57 11.57 6.43 8.19
C VAL C 57 11.47 7.30 6.93
N GLU C 58 12.41 7.13 6.00
CA GLU C 58 12.39 7.91 4.77
C GLU C 58 11.13 7.62 3.96
N GLU C 59 10.66 6.37 3.96
CA GLU C 59 9.45 6.07 3.21
C GLU C 59 8.21 6.63 3.90
N ALA C 60 8.19 6.62 5.22
CA ALA C 60 7.11 7.29 5.96
C ALA C 60 7.08 8.78 5.65
N LYS C 61 8.24 9.43 5.56
CA LYS C 61 8.29 10.83 5.17
C LYS C 61 7.60 11.06 3.82
N ARG C 62 8.00 10.28 2.80
CA ARG C 62 7.43 10.45 1.45
C ARG C 62 5.91 10.40 1.48
N LEU C 63 5.36 9.39 2.17
CA LEU C 63 3.94 9.24 2.37
C LEU C 63 3.30 10.51 2.89
N ARG C 64 3.76 10.99 4.06
CA ARG C 64 3.16 12.16 4.70
C ARG C 64 3.19 13.36 3.76
N VAL C 65 4.33 13.57 3.09
CA VAL C 65 4.47 14.64 2.11
C VAL C 65 3.48 14.46 0.97
N GLN C 66 3.24 13.22 0.56
CA GLN C 66 2.22 12.96 -0.46
C GLN C 66 0.82 13.10 0.11
N HIS C 67 0.63 12.68 1.35
CA HIS C 67 -0.66 12.87 2.01
C HIS C 67 -1.02 14.35 2.04
N MET C 68 -0.02 15.22 2.09
CA MET C 68 -0.27 16.66 2.09
C MET C 68 -0.85 17.10 0.75
N GLN C 69 -0.14 16.84 -0.36
CA GLN C 69 -0.64 17.23 -1.68
C GLN C 69 -2.11 16.84 -1.87
N ASP C 70 -2.44 15.59 -1.53
CA ASP C 70 -3.78 15.09 -1.78
C ASP C 70 -4.83 15.74 -0.87
N HIS C 71 -4.44 16.11 0.35
CA HIS C 71 -5.35 16.72 1.31
C HIS C 71 -4.62 17.91 1.93
N PRO C 72 -4.71 19.07 1.33
CA PRO C 72 -3.63 20.04 1.51
C PRO C 72 -3.79 20.93 2.73
N ASN C 73 -5.01 21.05 3.25
CA ASN C 73 -5.27 21.74 4.52
C ASN C 73 -5.76 20.75 5.56
N TYR C 74 -5.28 19.51 5.47
CA TYR C 74 -5.75 18.44 6.33
C TYR C 74 -5.42 18.70 7.80
N LYS C 75 -6.41 18.48 8.66
CA LYS C 75 -6.22 18.51 10.10
C LYS C 75 -6.67 17.17 10.67
N TYR C 76 -5.85 16.56 11.53
CA TYR C 76 -6.22 15.28 12.11
C TYR C 76 -7.21 15.52 13.23
N ARG C 77 -8.39 14.87 13.14
CA ARG C 77 -9.49 15.04 14.09
C ARG C 77 -9.91 13.70 14.66
N PRO C 78 -9.36 13.29 15.78
CA PRO C 78 -9.87 12.07 16.43
C PRO C 78 -11.31 12.26 16.87
N ARG C 79 -12.09 11.18 16.75
CA ARG C 79 -13.49 11.19 17.14
C ARG C 79 -13.61 10.93 18.64
N ARG C 80 -14.82 11.09 19.16
CA ARG C 80 -15.08 10.74 20.55
C ARG C 80 -16.53 10.33 20.78
N GLY F 1 -16.20 18.25 7.67
CA GLY F 1 -15.55 17.09 7.10
C GLY F 1 -14.30 17.45 6.34
N SER F 2 -13.29 16.58 6.40
CA SER F 2 -12.03 16.83 5.73
C SER F 2 -12.23 16.79 4.21
N PHE F 3 -11.40 17.55 3.48
CA PHE F 3 -11.64 17.77 2.06
C PHE F 3 -10.70 16.93 1.21
N THR F 4 -11.28 16.23 0.25
CA THR F 4 -10.58 15.31 -0.63
C THR F 4 -10.63 15.88 -2.04
N SER F 5 -9.47 16.19 -2.62
CA SER F 5 -9.48 16.95 -3.87
C SER F 5 -9.96 16.08 -5.03
N ARG F 6 -9.23 15.01 -5.33
CA ARG F 6 -9.65 14.01 -6.30
C ARG F 6 -9.55 12.61 -5.70
N ILE F 7 -10.26 11.67 -6.30
CA ILE F 7 -10.38 10.32 -5.80
C ILE F 7 -9.68 9.39 -6.78
N ARG F 8 -8.72 8.61 -6.29
CA ARG F 8 -7.98 7.70 -7.15
C ARG F 8 -8.84 6.49 -7.53
N ARG F 9 -8.55 5.92 -8.71
CA ARG F 9 -9.14 4.64 -9.13
C ARG F 9 -8.50 3.48 -8.35
N PRO F 10 -9.29 2.50 -7.93
CA PRO F 10 -8.72 1.33 -7.26
C PRO F 10 -7.76 0.58 -8.17
N MET F 11 -6.69 0.02 -7.59
CA MET F 11 -5.77 -0.77 -8.41
C MET F 11 -6.43 -2.07 -8.84
N ASN F 12 -6.17 -2.50 -10.08
CA ASN F 12 -6.60 -3.82 -10.51
C ASN F 12 -5.61 -4.87 -10.04
N ALA F 13 -5.92 -6.12 -10.35
CA ALA F 13 -5.05 -7.22 -9.91
C ALA F 13 -3.64 -7.04 -10.44
N PHE F 14 -3.49 -6.57 -11.67
CA PHE F 14 -2.16 -6.33 -12.20
C PHE F 14 -1.41 -5.33 -11.33
N MET F 15 -2.01 -4.16 -11.11
CA MET F 15 -1.30 -3.10 -10.40
C MET F 15 -0.94 -3.51 -8.98
N VAL F 16 -1.83 -4.22 -8.29
CA VAL F 16 -1.48 -4.78 -6.99
C VAL F 16 -0.28 -5.71 -7.09
N TRP F 17 -0.25 -6.59 -8.11
CA TRP F 17 0.91 -7.47 -8.25
C TRP F 17 2.17 -6.69 -8.54
N ALA F 18 2.03 -5.60 -9.32
CA ALA F 18 3.20 -4.84 -9.75
C ALA F 18 3.80 -4.01 -8.61
N LYS F 19 2.95 -3.42 -7.76
CA LYS F 19 3.41 -2.52 -6.71
C LYS F 19 4.63 -3.09 -6.00
N ASP F 20 4.63 -4.40 -5.72
CA ASP F 20 5.70 -5.09 -5.03
C ASP F 20 6.73 -5.70 -5.97
N GLU F 21 6.29 -6.17 -7.14
CA GLU F 21 7.24 -6.73 -8.09
C GLU F 21 8.10 -5.63 -8.70
N ARG F 22 7.52 -4.44 -8.87
CA ARG F 22 8.29 -3.33 -9.41
C ARG F 22 9.36 -2.86 -8.43
N LYS F 23 8.98 -2.73 -7.14
CA LYS F 23 9.97 -2.44 -6.11
C LYS F 23 11.03 -3.52 -6.05
N ARG F 24 10.62 -4.79 -6.18
CA ARG F 24 11.56 -5.89 -6.07
C ARG F 24 12.46 -5.98 -7.30
N LEU F 25 11.90 -5.80 -8.49
CA LEU F 25 12.72 -5.80 -9.71
C LEU F 25 13.65 -4.61 -9.76
N ALA F 26 13.29 -3.51 -9.10
CA ALA F 26 14.08 -2.29 -9.13
C ALA F 26 15.31 -2.40 -8.23
N GLN F 27 15.16 -2.98 -7.04
CA GLN F 27 16.33 -3.33 -6.24
C GLN F 27 17.39 -4.06 -7.09
N GLN F 28 17.01 -5.18 -7.70
CA GLN F 28 17.97 -5.92 -8.49
C GLN F 28 18.43 -5.11 -9.71
N ASN F 29 17.56 -4.27 -10.26
CA ASN F 29 17.84 -3.55 -11.50
C ASN F 29 17.72 -2.05 -11.26
N PRO F 30 18.70 -1.46 -10.55
CA PRO F 30 18.53 -0.08 -10.08
C PRO F 30 18.88 0.98 -11.11
N ASP F 31 19.65 0.62 -12.14
CA ASP F 31 19.99 1.57 -13.19
C ASP F 31 18.80 1.89 -14.09
N LEU F 32 17.92 0.90 -14.32
CA LEU F 32 16.99 0.91 -15.44
C LEU F 32 15.88 1.94 -15.26
N HIS F 33 15.64 2.73 -16.31
CA HIS F 33 14.49 3.62 -16.38
C HIS F 33 13.23 2.85 -16.01
N ASN F 34 12.31 3.54 -15.33
CA ASN F 34 11.16 2.85 -14.78
C ASN F 34 10.22 2.33 -15.87
N ALA F 35 10.12 3.06 -16.98
CA ALA F 35 9.18 2.69 -18.04
C ALA F 35 9.51 1.33 -18.64
N GLU F 36 10.78 0.97 -18.67
CA GLU F 36 11.16 -0.34 -19.19
C GLU F 36 10.75 -1.44 -18.23
N LEU F 37 10.90 -1.19 -16.91
CA LEU F 37 10.46 -2.18 -15.92
C LEU F 37 9.03 -2.62 -16.19
N SER F 38 8.17 -1.68 -16.54
CA SER F 38 6.78 -2.03 -16.82
C SER F 38 6.70 -3.06 -17.94
N LYS F 39 7.55 -2.92 -18.97
CA LYS F 39 7.56 -3.91 -20.04
C LYS F 39 7.99 -5.27 -19.53
N MET F 40 8.84 -5.31 -18.51
CA MET F 40 9.20 -6.58 -17.89
C MET F 40 8.00 -7.17 -17.15
N LEU F 41 7.39 -6.38 -16.27
CA LEU F 41 6.29 -6.88 -15.46
C LEU F 41 5.14 -7.37 -16.34
N GLY F 42 4.98 -6.78 -17.52
CA GLY F 42 3.86 -7.13 -18.39
C GLY F 42 3.97 -8.54 -18.96
N LYS F 43 5.09 -8.86 -19.59
CA LYS F 43 5.23 -10.20 -20.11
C LYS F 43 5.34 -11.22 -18.99
N SER F 44 5.93 -10.83 -17.84
CA SER F 44 5.98 -11.74 -16.70
C SER F 44 4.58 -12.11 -16.23
N TRP F 45 3.80 -11.10 -15.87
CA TRP F 45 2.44 -11.34 -15.40
C TRP F 45 1.62 -12.11 -16.42
N LYS F 46 1.78 -11.79 -17.69
CA LYS F 46 1.07 -12.57 -18.69
C LYS F 46 1.75 -13.92 -18.92
N ALA F 47 2.56 -14.37 -17.94
CA ALA F 47 3.18 -15.70 -17.97
C ALA F 47 2.99 -16.44 -16.66
N LEU F 48 1.97 -16.08 -15.90
CA LEU F 48 1.67 -16.77 -14.66
C LEU F 48 0.31 -17.43 -14.81
N THR F 49 0.14 -18.58 -14.15
CA THR F 49 -1.14 -19.27 -14.09
C THR F 49 -2.25 -18.34 -13.59
N LEU F 50 -3.49 -18.65 -13.90
CA LEU F 50 -4.57 -17.96 -13.20
C LEU F 50 -4.62 -18.40 -11.75
N ALA F 51 -4.05 -19.56 -11.41
CA ALA F 51 -3.86 -19.91 -10.01
C ALA F 51 -2.69 -19.16 -9.44
N GLU F 52 -1.60 -19.07 -10.19
CA GLU F 52 -0.44 -18.29 -9.79
C GLU F 52 -0.76 -16.82 -9.60
N LYS F 53 -1.89 -16.33 -10.13
CA LYS F 53 -2.29 -14.96 -9.90
C LYS F 53 -3.66 -14.85 -9.24
N ARG F 54 -4.25 -15.98 -8.81
CA ARG F 54 -5.49 -15.88 -8.03
C ARG F 54 -5.36 -14.99 -6.80
N PRO F 55 -4.31 -15.12 -5.96
CA PRO F 55 -4.27 -14.31 -4.73
C PRO F 55 -4.18 -12.81 -4.96
N PHE F 56 -3.65 -12.36 -6.11
CA PHE F 56 -3.67 -10.93 -6.40
C PHE F 56 -5.04 -10.46 -6.89
N VAL F 57 -5.82 -11.35 -7.49
CA VAL F 57 -7.21 -11.00 -7.73
C VAL F 57 -7.93 -10.79 -6.39
N GLU F 58 -7.66 -11.66 -5.41
CA GLU F 58 -8.38 -11.55 -4.15
C GLU F 58 -8.04 -10.26 -3.42
N GLU F 59 -6.77 -9.84 -3.48
CA GLU F 59 -6.37 -8.60 -2.83
C GLU F 59 -6.99 -7.38 -3.49
N ALA F 60 -6.91 -7.30 -4.82
CA ALA F 60 -7.56 -6.20 -5.52
C ALA F 60 -9.05 -6.11 -5.15
N LYS F 61 -9.75 -7.24 -5.16
CA LYS F 61 -11.07 -7.30 -4.54
C LYS F 61 -11.11 -6.65 -3.17
N ARG F 62 -10.32 -7.14 -2.23
CA ARG F 62 -10.41 -6.66 -0.85
C ARG F 62 -10.29 -5.14 -0.83
N LEU F 63 -9.27 -4.63 -1.53
CA LEU F 63 -9.05 -3.20 -1.60
C LEU F 63 -10.18 -2.52 -2.33
N ARG F 64 -10.58 -3.04 -3.50
CA ARG F 64 -11.70 -2.41 -4.20
C ARG F 64 -12.94 -2.32 -3.33
N VAL F 65 -13.21 -3.35 -2.54
CA VAL F 65 -14.35 -3.31 -1.64
C VAL F 65 -14.13 -2.29 -0.53
N GLN F 66 -12.89 -2.21 -0.02
CA GLN F 66 -12.57 -1.19 0.96
C GLN F 66 -12.59 0.20 0.35
N HIS F 67 -12.27 0.31 -0.94
CA HIS F 67 -12.36 1.59 -1.63
C HIS F 67 -13.80 2.06 -1.70
N MET F 68 -14.71 1.13 -2.00
CA MET F 68 -16.14 1.42 -1.99
C MET F 68 -16.58 1.98 -0.66
N GLN F 69 -16.06 1.43 0.46
CA GLN F 69 -16.39 1.95 1.77
C GLN F 69 -15.83 3.35 1.96
N ASP F 70 -14.56 3.53 1.59
CA ASP F 70 -13.90 4.82 1.73
C ASP F 70 -14.66 5.92 1.02
N HIS F 71 -15.14 5.62 -0.18
CA HIS F 71 -15.81 6.61 -1.02
C HIS F 71 -17.24 6.21 -1.31
N PRO F 72 -18.19 6.53 -0.42
CA PRO F 72 -19.58 6.12 -0.62
C PRO F 72 -20.08 6.53 -1.99
N ASN F 73 -20.74 5.57 -2.66
CA ASN F 73 -21.39 5.82 -3.95
C ASN F 73 -20.40 6.40 -4.97
N TYR F 74 -19.19 5.83 -4.99
CA TYR F 74 -18.15 6.25 -5.91
C TYR F 74 -18.62 6.14 -7.36
N LYS F 75 -18.20 7.09 -8.18
CA LYS F 75 -18.54 7.15 -9.60
C LYS F 75 -17.27 7.51 -10.37
N TYR F 76 -16.80 6.59 -11.21
CA TYR F 76 -15.63 6.90 -12.02
C TYR F 76 -16.04 7.85 -13.14
N ARG F 77 -15.63 9.12 -13.03
CA ARG F 77 -15.93 10.16 -14.01
C ARG F 77 -14.64 10.56 -14.72
N PRO F 78 -14.32 9.97 -15.88
CA PRO F 78 -13.12 10.37 -16.62
C PRO F 78 -13.40 11.61 -17.47
N ARG F 79 -12.40 12.48 -17.56
CA ARG F 79 -12.57 13.73 -18.27
C ARG F 79 -12.16 13.59 -19.73
N ARG F 80 -12.68 14.52 -20.55
CA ARG F 80 -12.32 14.64 -21.96
C ARG F 80 -12.88 15.94 -22.51
#